data_5JR1
#
_entry.id   5JR1
#
_cell.length_a   68.784
_cell.length_b   77.863
_cell.length_c   85.003
_cell.angle_alpha   90.00
_cell.angle_beta   90.00
_cell.angle_gamma   90.00
#
_symmetry.space_group_name_H-M   'P 21 21 21'
#
loop_
_entity.id
_entity.type
_entity.pdbx_description
1 polymer '10E8 heavy chain'
2 polymer '10E8 mature light chain'
3 non-polymer 'ZINC ION'
4 water water
#
loop_
_entity_poly.entity_id
_entity_poly.type
_entity_poly.pdbx_seq_one_letter_code
_entity_poly.pdbx_strand_id
1 'polypeptide(L)'
;EVQLVESGGGLVKPGGSLRLSCAASGFTFSNAWMSWVRQAPGKGLEWVGRIKSKTDGGTTDYAAPVKGRFTISRDDSKNT
LYLQMNSLKTEDTAVYYCARTGKYYDFWSGYPPGEEYFQDWGRGTLVTVSSASTKGPSVFPLAPSSKSTSGGTAALGCLV
KDYFPEPVTVSWNSGALTSGVHTFPAVLQSSGLYSLSSVVTVPSSSLGTQTYICNVNHKPSNTKVDKRVEPKSCDK
;
H
2 'polypeptide(L)'
;SYELTQETGVSVALGRTVTITCRGDSLRSHYASWYQKKPGQAPILLFYGKNNRPSGVPDRFSGSASGNRASLTISGAQAE
DDAEYYCSSRDKSGSRLSVFGGGTKLTVLSQPKAAPSVTLFPPSSEELQANKATLVCLISDFYPGAVTVAWKADSSPVKA
GVETTTPSKQSNNKYAASSYLSLTPEQWKSHRSYSCQVTHEGSTVEKTVAPTECS
;
L
#
# COMPACT_ATOMS: atom_id res chain seq x y z
N GLU A 1 -2.81 24.60 -14.07
CA GLU A 1 -4.07 25.06 -14.71
C GLU A 1 -5.23 24.18 -14.28
N VAL A 2 -5.18 22.88 -14.55
CA VAL A 2 -6.27 22.00 -14.17
C VAL A 2 -6.14 21.67 -12.69
N GLN A 3 -7.24 21.75 -11.97
CA GLN A 3 -7.22 21.26 -10.61
C GLN A 3 -8.48 20.45 -10.35
N LEU A 4 -8.30 19.34 -9.67
CA LEU A 4 -9.39 18.50 -9.22
C LEU A 4 -9.20 18.32 -7.72
N VAL A 5 -10.25 18.59 -6.93
CA VAL A 5 -10.20 18.45 -5.48
C VAL A 5 -11.33 17.55 -5.01
N GLU A 6 -10.97 16.33 -4.61
CA GLU A 6 -11.92 15.42 -3.99
C GLU A 6 -12.16 15.78 -2.53
N SER A 7 -13.39 15.60 -2.06
CA SER A 7 -13.68 15.82 -0.65
C SER A 7 -14.81 14.90 -0.25
N GLY A 8 -15.02 14.76 1.07
CA GLY A 8 -16.10 13.96 1.61
C GLY A 8 -15.61 12.70 2.30
N GLY A 9 -14.32 12.40 2.21
CA GLY A 9 -13.81 11.21 2.85
C GLY A 9 -14.07 11.21 4.35
N GLY A 10 -14.08 10.02 4.91
CA GLY A 10 -14.36 9.89 6.33
C GLY A 10 -14.47 8.44 6.71
N LEU A 11 -14.77 8.24 7.99
CA LEU A 11 -15.03 6.93 8.56
C LEU A 11 -16.52 6.65 8.56
N VAL A 12 -16.91 5.52 8.00
CA VAL A 12 -18.31 5.11 7.93
C VAL A 12 -18.44 3.65 8.32
N LYS A 13 -19.55 3.30 8.91
CA LYS A 13 -19.72 1.93 9.33
C LYS A 13 -20.21 1.06 8.17
N PRO A 14 -19.84 -0.22 8.14
CA PRO A 14 -20.33 -1.09 7.07
C PRO A 14 -21.86 -1.07 6.98
N GLY A 15 -22.38 -1.08 5.76
CA GLY A 15 -23.79 -0.89 5.52
C GLY A 15 -24.20 0.56 5.38
N GLY A 16 -23.33 1.51 5.72
CA GLY A 16 -23.65 2.91 5.64
C GLY A 16 -23.37 3.48 4.26
N SER A 17 -23.51 4.80 4.16
CA SER A 17 -23.39 5.48 2.88
C SER A 17 -22.51 6.71 3.06
N LEU A 18 -21.92 7.14 1.94
CA LEU A 18 -21.07 8.31 1.92
C LEU A 18 -21.12 8.91 0.53
N ARG A 19 -21.13 10.24 0.46
CA ARG A 19 -21.09 10.95 -0.83
C ARG A 19 -19.76 11.68 -0.97
N LEU A 20 -19.06 11.44 -2.08
CA LEU A 20 -17.86 12.16 -2.40
C LEU A 20 -18.15 13.20 -3.47
N SER A 21 -17.41 14.29 -3.44
CA SER A 21 -17.53 15.33 -4.44
C SER A 21 -16.14 15.60 -4.99
N CYS A 22 -16.12 16.02 -6.25
CA CYS A 22 -14.87 16.40 -6.90
C CYS A 22 -15.15 17.71 -7.61
N ALA A 23 -14.53 18.79 -7.15
CA ALA A 23 -14.67 20.10 -7.76
C ALA A 23 -13.57 20.31 -8.80
N ALA A 24 -13.97 20.67 -10.00
CA ALA A 24 -13.05 20.77 -11.15
C ALA A 24 -12.92 22.20 -11.64
N SER A 25 -11.72 22.57 -12.07
CA SER A 25 -11.52 23.87 -12.72
C SER A 25 -10.33 23.74 -13.66
N GLY A 26 -10.19 24.73 -14.55
CA GLY A 26 -9.09 24.76 -15.48
C GLY A 26 -9.31 24.06 -16.81
N PHE A 27 -10.52 23.56 -17.06
CA PHE A 27 -10.82 22.89 -18.32
C PHE A 27 -12.33 22.95 -18.50
N THR A 28 -12.79 22.59 -19.70
CA THR A 28 -14.22 22.65 -20.01
C THR A 28 -14.87 21.39 -19.47
N PHE A 29 -15.41 21.50 -18.26
CA PHE A 29 -15.98 20.35 -17.54
C PHE A 29 -17.07 19.67 -18.35
N SER A 30 -17.98 20.46 -18.94
CA SER A 30 -19.12 19.89 -19.61
C SER A 30 -18.73 19.00 -20.78
N ASN A 31 -17.50 19.15 -21.30
CA ASN A 31 -17.03 18.34 -22.42
C ASN A 31 -16.31 17.08 -21.97
N ALA A 32 -16.00 16.98 -20.68
CA ALA A 32 -15.10 15.97 -20.18
C ALA A 32 -15.85 14.71 -19.74
N TRP A 33 -15.30 13.56 -20.12
CA TRP A 33 -15.62 12.32 -19.45
C TRP A 33 -14.84 12.28 -18.14
N MET A 34 -15.48 11.81 -17.07
CA MET A 34 -14.88 11.80 -15.73
C MET A 34 -14.97 10.40 -15.14
N SER A 35 -13.97 10.04 -14.35
CA SER A 35 -13.90 8.73 -13.74
C SER A 35 -13.57 8.86 -12.27
N TRP A 36 -13.92 7.82 -11.52
CA TRP A 36 -13.39 7.59 -10.19
C TRP A 36 -12.52 6.34 -10.22
N VAL A 37 -11.40 6.41 -9.52
CA VAL A 37 -10.43 5.35 -9.37
C VAL A 37 -10.12 5.28 -7.88
N ARG A 38 -9.86 4.09 -7.38
CA ARG A 38 -9.56 3.96 -5.96
C ARG A 38 -8.35 3.08 -5.73
N GLN A 39 -7.75 3.24 -4.55
CA GLN A 39 -6.55 2.50 -4.15
C GLN A 39 -6.72 2.02 -2.71
N ALA A 40 -6.93 0.71 -2.54
CA ALA A 40 -7.04 0.13 -1.21
C ALA A 40 -5.68 0.07 -0.55
N PRO A 41 -5.62 0.13 0.79
CA PRO A 41 -4.38 0.46 1.51
C PRO A 41 -3.10 -0.20 1.02
N GLY A 42 -3.17 -1.41 0.49
CA GLY A 42 -1.95 -2.06 0.04
C GLY A 42 -1.87 -2.46 -1.41
N LYS A 43 -2.94 -2.26 -2.20
CA LYS A 43 -3.13 -3.04 -3.43
C LYS A 43 -3.47 -2.14 -4.63
N GLY A 44 -2.57 -1.22 -4.97
CA GLY A 44 -2.64 -0.59 -6.29
C GLY A 44 -3.96 0.10 -6.64
N LEU A 45 -4.19 0.27 -7.95
CA LEU A 45 -5.24 1.16 -8.47
C LEU A 45 -6.33 0.37 -9.17
N GLU A 46 -7.57 0.86 -9.05
CA GLU A 46 -8.73 0.13 -9.49
C GLU A 46 -9.78 1.14 -9.96
N TRP A 47 -10.17 1.04 -11.23
CA TRP A 47 -11.20 1.90 -11.78
C TRP A 47 -12.53 1.57 -11.12
N VAL A 48 -13.29 2.61 -10.78
CA VAL A 48 -14.57 2.45 -10.09
C VAL A 48 -15.73 2.69 -11.03
N GLY A 49 -15.69 3.75 -11.82
CA GLY A 49 -16.79 4.05 -12.71
C GLY A 49 -16.48 5.32 -13.48
N ARG A 50 -17.35 5.60 -14.45
CA ARG A 50 -17.18 6.76 -15.29
C ARG A 50 -18.55 7.33 -15.62
N ILE A 51 -18.55 8.59 -15.96
CA ILE A 51 -19.70 9.24 -16.56
C ILE A 51 -19.23 9.97 -17.81
N LYS A 52 -19.97 9.79 -18.90
CA LYS A 52 -19.67 10.49 -20.15
C LYS A 52 -20.18 11.93 -20.09
N SER A 53 -19.71 12.75 -21.01
CA SER A 53 -20.19 14.12 -21.12
C SER A 53 -21.63 14.18 -21.60
N LYS A 54 -22.27 15.31 -21.36
CA LYS A 54 -23.67 15.45 -21.70
C LYS A 54 -23.87 15.51 -23.21
N THR A 55 -22.92 16.05 -23.95
CA THR A 55 -23.05 16.02 -25.40
C THR A 55 -23.03 14.57 -25.88
N ASP A 56 -22.28 13.72 -25.19
CA ASP A 56 -22.41 12.30 -25.42
C ASP A 56 -23.59 11.83 -24.56
N GLY A 57 -23.70 10.53 -24.29
CA GLY A 57 -24.92 10.05 -23.66
C GLY A 57 -25.10 10.49 -22.20
N GLY A 58 -24.10 11.08 -21.58
CA GLY A 58 -24.19 11.36 -20.16
C GLY A 58 -24.38 10.13 -19.31
N THR A 59 -24.08 8.96 -19.86
CA THR A 59 -24.37 7.70 -19.20
C THR A 59 -23.20 7.25 -18.35
N THR A 60 -23.48 6.31 -17.48
CA THR A 60 -22.51 5.83 -16.51
C THR A 60 -22.17 4.36 -16.76
N ASP A 61 -20.98 3.99 -16.32
CA ASP A 61 -20.48 2.63 -16.29
C ASP A 61 -19.82 2.39 -14.93
N TYR A 62 -19.90 1.15 -14.44
CA TYR A 62 -19.36 0.83 -13.12
C TYR A 62 -18.60 -0.49 -13.13
N ALA A 63 -17.55 -0.55 -12.32
CA ALA A 63 -16.82 -1.79 -12.09
C ALA A 63 -17.70 -2.83 -11.40
N ALA A 64 -17.43 -4.11 -11.67
CA ALA A 64 -18.26 -5.19 -11.13
C ALA A 64 -18.40 -5.16 -9.62
N PRO A 65 -17.33 -5.00 -8.83
CA PRO A 65 -17.46 -5.10 -7.36
C PRO A 65 -18.32 -4.01 -6.77
N VAL A 66 -18.74 -3.05 -7.57
CA VAL A 66 -19.37 -1.83 -7.09
C VAL A 66 -20.75 -1.62 -7.71
N LYS A 67 -21.11 -2.37 -8.74
CA LYS A 67 -22.37 -2.17 -9.42
C LYS A 67 -23.54 -2.42 -8.47
N GLY A 68 -24.55 -1.57 -8.56
CA GLY A 68 -25.72 -1.69 -7.72
C GLY A 68 -25.61 -0.98 -6.38
N ARG A 69 -24.42 -0.54 -6.01
CA ARG A 69 -24.19 0.14 -4.74
C ARG A 69 -23.71 1.57 -4.88
N PHE A 70 -22.95 1.88 -5.93
CA PHE A 70 -22.39 3.21 -6.15
C PHE A 70 -23.09 3.88 -7.32
N THR A 71 -23.28 5.19 -7.21
CA THR A 71 -23.88 5.98 -8.28
C THR A 71 -23.01 7.19 -8.57
N ILE A 72 -22.70 7.40 -9.83
CA ILE A 72 -21.93 8.55 -10.28
C ILE A 72 -22.88 9.52 -10.94
N SER A 73 -22.70 10.80 -10.65
CA SER A 73 -23.49 11.87 -11.24
C SER A 73 -22.61 13.11 -11.34
N ARG A 74 -23.15 14.12 -12.03
CA ARG A 74 -22.40 15.34 -12.27
C ARG A 74 -23.36 16.52 -12.32
N ASP A 75 -22.90 17.66 -11.81
CA ASP A 75 -23.62 18.94 -11.94
C ASP A 75 -22.71 19.87 -12.72
N ASP A 76 -22.89 19.91 -14.04
CA ASP A 76 -22.06 20.78 -14.86
C ASP A 76 -22.13 22.23 -14.42
N SER A 77 -23.28 22.67 -13.91
CA SER A 77 -23.40 24.09 -13.55
C SER A 77 -22.50 24.46 -12.38
N LYS A 78 -22.07 23.49 -11.59
CA LYS A 78 -21.14 23.75 -10.51
C LYS A 78 -19.79 23.08 -10.75
N ASN A 79 -19.56 22.57 -11.96
CA ASN A 79 -18.31 21.89 -12.30
C ASN A 79 -17.94 20.86 -11.24
N THR A 80 -18.92 20.04 -10.84
CA THR A 80 -18.71 19.06 -9.78
C THR A 80 -19.12 17.66 -10.22
N LEU A 81 -18.31 16.70 -9.80
CA LEU A 81 -18.56 15.28 -10.02
C LEU A 81 -18.84 14.65 -8.66
N TYR A 82 -19.78 13.69 -8.61
CA TYR A 82 -20.16 13.05 -7.37
C TYR A 82 -19.99 11.54 -7.44
N LEU A 83 -19.76 10.94 -6.28
CA LEU A 83 -19.80 9.49 -6.10
C LEU A 83 -20.63 9.22 -4.86
N GLN A 84 -21.83 8.71 -5.06
CA GLN A 84 -22.69 8.27 -3.98
C GLN A 84 -22.41 6.81 -3.71
N MET A 85 -21.95 6.52 -2.51
CA MET A 85 -21.61 5.16 -2.10
C MET A 85 -22.62 4.70 -1.07
N ASN A 86 -23.31 3.60 -1.37
CA ASN A 86 -24.28 3.00 -0.47
C ASN A 86 -23.88 1.58 -0.11
N SER A 87 -24.42 1.09 1.00
CA SER A 87 -24.18 -0.29 1.45
C SER A 87 -22.70 -0.61 1.43
N LEU A 88 -21.92 0.26 2.07
CA LEU A 88 -20.46 0.16 2.00
C LEU A 88 -19.96 -1.08 2.72
N LYS A 89 -18.91 -1.68 2.16
CA LYS A 89 -18.25 -2.87 2.69
C LYS A 89 -16.83 -2.50 3.11
N THR A 90 -16.31 -3.21 4.13
CA THR A 90 -14.88 -3.12 4.48
C THR A 90 -13.99 -3.11 3.24
N GLU A 91 -14.37 -3.90 2.23
CA GLU A 91 -13.60 -3.99 1.01
C GLU A 91 -13.52 -2.65 0.26
N ASP A 92 -14.38 -1.68 0.59
CA ASP A 92 -14.42 -0.38 -0.08
C ASP A 92 -13.45 0.64 0.54
N THR A 93 -12.77 0.30 1.63
CA THR A 93 -11.74 1.16 2.22
C THR A 93 -10.63 1.42 1.21
N ALA A 94 -10.34 2.70 0.96
CA ALA A 94 -9.40 3.05 -0.12
C ALA A 94 -9.25 4.56 -0.17
N VAL A 95 -8.20 5.01 -0.87
CA VAL A 95 -8.13 6.39 -1.34
C VAL A 95 -8.93 6.48 -2.62
N TYR A 96 -9.85 7.44 -2.70
CA TYR A 96 -10.69 7.62 -3.88
C TYR A 96 -10.22 8.85 -4.66
N TYR A 97 -9.95 8.65 -5.97
CA TYR A 97 -9.51 9.72 -6.85
C TYR A 97 -10.55 10.03 -7.92
N CYS A 98 -10.68 11.32 -8.22
CA CYS A 98 -11.38 11.84 -9.39
C CYS A 98 -10.38 12.03 -10.52
N ALA A 99 -10.79 11.75 -11.76
CA ALA A 99 -9.90 11.92 -12.89
C ALA A 99 -10.67 12.30 -14.14
N ARG A 100 -10.09 13.19 -14.90
CA ARG A 100 -10.57 13.49 -16.24
C ARG A 100 -9.95 12.49 -17.20
N THR A 101 -10.77 11.97 -18.10
CA THR A 101 -10.34 10.86 -18.91
C THR A 101 -10.28 11.31 -20.36
N GLY A 102 -9.40 10.65 -21.10
CA GLY A 102 -9.32 10.86 -22.52
C GLY A 102 -9.18 9.51 -23.21
N LYS A 103 -9.26 9.54 -24.53
CA LYS A 103 -9.29 8.33 -25.33
C LYS A 103 -8.19 8.40 -26.39
N TYR A 104 -7.60 7.28 -26.69
CA TYR A 104 -6.74 7.11 -27.84
C TYR A 104 -6.90 5.72 -28.40
N TYR A 105 -6.37 5.51 -29.58
CA TYR A 105 -6.53 4.26 -30.27
C TYR A 105 -5.21 3.58 -30.51
N ASP A 106 -5.25 2.26 -30.31
CA ASP A 106 -4.17 1.43 -30.61
C ASP A 106 -4.59 0.58 -31.79
N PHE A 107 -3.88 -0.74 -31.84
CA PHE A 107 -4.07 -1.58 -33.02
C PHE A 107 -4.87 -2.83 -32.70
N TRP A 108 -5.65 -2.76 -31.64
CA TRP A 108 -6.62 -3.80 -31.34
C TRP A 108 -7.79 -3.70 -32.29
N SER A 109 -8.23 -4.85 -32.78
CA SER A 109 -9.28 -4.94 -33.77
C SER A 109 -10.65 -5.18 -33.15
N GLY A 110 -10.77 -5.06 -31.83
CA GLY A 110 -12.02 -5.34 -31.17
C GLY A 110 -12.99 -4.17 -31.19
N TYR A 111 -14.14 -4.38 -30.55
CA TYR A 111 -15.18 -3.36 -30.49
C TYR A 111 -15.81 -3.29 -29.10
N PRO A 112 -16.13 -2.09 -28.64
CA PRO A 112 -15.78 -0.78 -29.21
C PRO A 112 -14.30 -0.54 -29.01
N PRO A 113 -13.63 0.05 -29.97
CA PRO A 113 -12.21 0.34 -29.80
C PRO A 113 -11.96 1.53 -28.89
N GLY A 114 -10.72 1.63 -28.43
CA GLY A 114 -10.29 2.81 -27.68
C GLY A 114 -9.73 2.48 -26.31
N GLU A 115 -8.54 3.02 -26.06
CA GLU A 115 -7.91 3.03 -24.74
C GLU A 115 -8.32 4.30 -24.00
N GLU A 116 -8.48 4.18 -22.70
CA GLU A 116 -8.81 5.33 -21.85
C GLU A 116 -7.63 5.67 -20.97
N TYR A 117 -7.15 6.90 -21.08
CA TYR A 117 -6.11 7.40 -20.18
C TYR A 117 -6.72 8.39 -19.20
N PHE A 118 -6.01 8.60 -18.11
CA PHE A 118 -6.47 9.44 -16.99
C PHE A 118 -5.59 10.65 -17.03
N GLN A 119 -6.11 11.71 -17.70
CA GLN A 119 -5.32 12.87 -18.10
C GLN A 119 -4.99 13.79 -16.93
N ASP A 120 -5.92 13.92 -16.00
CA ASP A 120 -5.72 14.78 -14.84
C ASP A 120 -6.36 14.10 -13.65
N TRP A 121 -5.71 14.21 -12.49
CA TRP A 121 -6.16 13.54 -11.28
C TRP A 121 -6.20 14.53 -10.13
N GLY A 122 -7.07 14.24 -9.16
CA GLY A 122 -7.00 14.85 -7.85
C GLY A 122 -5.99 14.12 -6.95
N ARG A 123 -5.73 14.73 -5.78
CA ARG A 123 -4.89 14.11 -4.76
C ARG A 123 -5.60 12.95 -4.06
N GLY A 124 -6.91 12.89 -4.14
CA GLY A 124 -7.70 11.83 -3.55
C GLY A 124 -8.22 12.20 -2.18
N THR A 125 -9.06 11.32 -1.65
CA THR A 125 -9.63 11.49 -0.32
C THR A 125 -9.78 10.09 0.28
N LEU A 126 -9.49 9.96 1.58
CA LEU A 126 -9.50 8.67 2.25
C LEU A 126 -10.92 8.28 2.66
N VAL A 127 -11.33 7.04 2.35
CA VAL A 127 -12.60 6.48 2.84
C VAL A 127 -12.24 5.24 3.64
N THR A 128 -12.64 5.21 4.90
CA THR A 128 -12.38 4.05 5.75
C THR A 128 -13.73 3.53 6.19
N VAL A 129 -14.05 2.30 5.86
N VAL A 129 -14.00 2.26 5.87
CA VAL A 129 -15.30 1.73 6.33
CA VAL A 129 -15.23 1.58 6.25
C VAL A 129 -14.96 0.66 7.35
C VAL A 129 -14.90 0.61 7.38
N SER A 130 -15.41 0.88 8.57
CA SER A 130 -15.01 0.08 9.71
C SER A 130 -16.05 0.22 10.81
N SER A 131 -16.19 -0.84 11.59
CA SER A 131 -17.10 -0.82 12.72
C SER A 131 -16.35 -0.57 14.03
N ALA A 132 -15.13 -0.10 13.94
CA ALA A 132 -14.28 0.12 15.11
C ALA A 132 -14.69 1.39 15.86
N SER A 133 -14.52 1.34 17.18
CA SER A 133 -14.68 2.49 18.05
C SER A 133 -13.48 2.55 18.97
N THR A 134 -13.31 3.69 19.63
CA THR A 134 -12.14 3.89 20.48
C THR A 134 -11.93 2.68 21.37
N LYS A 135 -10.70 2.16 21.33
CA LYS A 135 -10.34 0.95 22.07
C LYS A 135 -8.85 0.97 22.37
N GLY A 136 -8.51 0.70 23.62
CA GLY A 136 -7.12 0.63 24.03
C GLY A 136 -6.48 -0.68 23.63
N PRO A 137 -5.16 -0.71 23.57
CA PRO A 137 -4.48 -1.93 23.10
C PRO A 137 -4.30 -2.97 24.19
N SER A 138 -4.05 -4.19 23.73
CA SER A 138 -3.49 -5.23 24.57
C SER A 138 -2.03 -5.38 24.19
N VAL A 139 -1.17 -5.53 25.20
CA VAL A 139 0.28 -5.52 25.00
C VAL A 139 0.85 -6.88 25.36
N PHE A 140 1.62 -7.45 24.42
CA PHE A 140 2.23 -8.75 24.60
C PHE A 140 3.74 -8.65 24.46
N PRO A 141 4.52 -9.41 25.24
CA PRO A 141 5.99 -9.33 25.12
C PRO A 141 6.49 -10.19 23.97
N LEU A 142 7.54 -9.71 23.32
CA LEU A 142 8.20 -10.46 22.25
C LEU A 142 9.57 -10.83 22.81
N ALA A 143 9.68 -12.00 23.34
CA ALA A 143 10.80 -12.31 24.20
C ALA A 143 12.10 -12.57 23.41
N PRO A 144 13.26 -12.21 23.97
CA PRO A 144 14.51 -12.53 23.31
C PRO A 144 14.75 -14.02 23.39
N SER A 145 15.23 -14.59 22.28
CA SER A 145 15.41 -16.03 22.18
C SER A 145 16.88 -16.39 22.24
N GLY A 151 25.50 -11.48 17.00
CA GLY A 151 26.82 -11.25 17.56
C GLY A 151 26.79 -10.51 18.89
N GLY A 152 26.51 -11.24 19.96
CA GLY A 152 26.50 -10.64 21.28
C GLY A 152 25.32 -9.74 21.55
N THR A 153 24.31 -9.73 20.69
CA THR A 153 23.14 -8.88 20.89
C THR A 153 21.88 -9.70 20.74
N ALA A 154 20.81 -9.21 21.36
CA ALA A 154 19.53 -9.87 21.28
C ALA A 154 18.45 -8.84 21.01
N ALA A 155 17.47 -9.24 20.21
CA ALA A 155 16.32 -8.39 19.94
C ALA A 155 15.15 -8.82 20.82
N LEU A 156 14.52 -7.83 21.44
CA LEU A 156 13.29 -8.07 22.17
C LEU A 156 12.31 -6.97 21.84
N GLY A 157 11.03 -7.23 22.11
CA GLY A 157 10.08 -6.20 21.78
C GLY A 157 8.75 -6.37 22.47
N CYS A 158 7.80 -5.58 21.98
CA CYS A 158 6.42 -5.54 22.48
C CYS A 158 5.49 -5.44 21.29
N LEU A 159 4.44 -6.26 21.31
CA LEU A 159 3.36 -6.29 20.34
C LEU A 159 2.17 -5.54 20.93
N VAL A 160 1.76 -4.48 20.26
CA VAL A 160 0.70 -3.60 20.74
C VAL A 160 -0.50 -3.85 19.84
N LYS A 161 -1.50 -4.56 20.35
CA LYS A 161 -2.49 -5.22 19.51
C LYS A 161 -3.89 -4.60 19.68
N ASP A 162 -4.56 -4.42 18.55
CA ASP A 162 -6.00 -4.16 18.46
C ASP A 162 -6.43 -2.87 19.17
N TYR A 163 -5.92 -1.74 18.72
CA TYR A 163 -6.32 -0.45 19.27
C TYR A 163 -6.94 0.42 18.19
N PHE A 164 -7.64 1.45 18.64
CA PHE A 164 -8.26 2.40 17.72
C PHE A 164 -8.59 3.70 18.46
N PRO A 165 -8.36 4.85 17.84
CA PRO A 165 -7.68 5.09 16.55
C PRO A 165 -6.20 5.15 16.75
N GLU A 166 -5.45 5.47 15.71
CA GLU A 166 -4.06 5.82 15.88
C GLU A 166 -3.97 7.16 16.63
N PRO A 167 -2.81 7.47 17.23
CA PRO A 167 -1.61 6.66 17.36
C PRO A 167 -1.45 6.06 18.75
N VAL A 168 -0.45 5.19 18.89
CA VAL A 168 0.07 4.78 20.19
C VAL A 168 1.51 5.26 20.25
N THR A 169 1.96 5.63 21.44
CA THR A 169 3.36 5.91 21.66
C THR A 169 3.99 4.80 22.49
N VAL A 170 5.21 4.46 22.14
CA VAL A 170 5.94 3.41 22.82
C VAL A 170 7.28 3.97 23.21
N SER A 171 7.67 3.74 24.45
CA SER A 171 9.03 4.02 24.89
C SER A 171 9.55 2.78 25.61
N TRP A 172 10.83 2.81 25.88
CA TRP A 172 11.47 1.76 26.64
C TRP A 172 12.11 2.34 27.87
N ASN A 173 11.84 1.71 29.02
CA ASN A 173 12.45 2.10 30.28
C ASN A 173 12.20 3.58 30.58
N SER A 174 10.98 4.01 30.31
CA SER A 174 10.50 5.37 30.58
C SER A 174 11.30 6.42 29.83
N GLY A 175 11.87 6.06 28.69
CA GLY A 175 12.69 6.96 27.91
C GLY A 175 14.18 6.85 28.14
N ALA A 176 14.62 6.05 29.12
CA ALA A 176 16.05 5.89 29.38
C ALA A 176 16.73 5.07 28.30
N LEU A 177 16.00 4.23 27.60
CA LEU A 177 16.54 3.39 26.55
C LEU A 177 16.04 3.92 25.21
N THR A 178 16.94 4.45 24.40
CA THR A 178 16.58 4.91 23.07
C THR A 178 17.50 4.29 22.03
N SER A 179 18.71 3.94 22.44
CA SER A 179 19.66 3.35 21.52
C SER A 179 19.14 2.03 20.99
N GLY A 180 19.15 1.87 19.68
CA GLY A 180 18.79 0.61 19.08
C GLY A 180 17.30 0.29 19.12
N VAL A 181 16.46 1.30 19.34
CA VAL A 181 15.01 1.12 19.29
C VAL A 181 14.48 1.34 17.89
N HIS A 182 13.61 0.46 17.45
CA HIS A 182 12.75 0.67 16.29
C HIS A 182 11.29 0.45 16.68
N THR A 183 10.42 1.47 16.50
CA THR A 183 8.97 1.33 16.63
C THR A 183 8.34 1.48 15.24
N PHE A 184 7.62 0.46 14.83
CA PHE A 184 7.28 0.30 13.43
C PHE A 184 5.94 0.96 13.11
N PRO A 185 5.71 1.32 11.84
CA PRO A 185 4.38 1.79 11.47
C PRO A 185 3.36 0.71 11.79
N ALA A 186 2.16 1.18 12.11
CA ALA A 186 1.06 0.28 12.44
C ALA A 186 0.44 -0.32 11.19
N VAL A 187 -0.13 -1.48 11.37
CA VAL A 187 -0.91 -2.13 10.35
C VAL A 187 -2.38 -1.90 10.65
N LEU A 188 -3.15 -1.71 9.59
CA LEU A 188 -4.60 -1.58 9.68
C LEU A 188 -5.20 -2.93 9.31
N GLN A 189 -5.91 -3.54 10.25
CA GLN A 189 -6.56 -4.82 10.01
C GLN A 189 -7.93 -4.60 9.38
N SER A 190 -8.47 -5.67 8.79
CA SER A 190 -9.83 -5.61 8.26
C SER A 190 -10.86 -5.32 9.34
N SER A 191 -10.55 -5.64 10.59
CA SER A 191 -11.43 -5.26 11.68
C SER A 191 -11.56 -3.75 11.83
N GLY A 192 -10.69 -2.98 11.18
CA GLY A 192 -10.59 -1.56 11.44
C GLY A 192 -9.66 -1.19 12.57
N LEU A 193 -9.23 -2.17 13.37
CA LEU A 193 -8.30 -1.92 14.46
C LEU A 193 -6.85 -1.92 13.96
N TYR A 194 -5.97 -1.32 14.76
CA TYR A 194 -4.56 -1.23 14.42
C TYR A 194 -3.72 -2.09 15.35
N SER A 195 -2.54 -2.46 14.86
CA SER A 195 -1.54 -3.13 15.69
C SER A 195 -0.16 -2.62 15.26
N LEU A 196 0.75 -2.57 16.22
CA LEU A 196 2.11 -2.17 15.92
C LEU A 196 3.05 -2.90 16.86
N SER A 197 4.33 -2.89 16.49
CA SER A 197 5.37 -3.47 17.31
C SER A 197 6.48 -2.46 17.53
N SER A 198 7.21 -2.67 18.62
CA SER A 198 8.45 -1.96 18.92
C SER A 198 9.50 -2.99 19.31
N VAL A 199 10.74 -2.79 18.85
CA VAL A 199 11.82 -3.69 19.17
CA VAL A 199 11.82 -3.69 19.17
C VAL A 199 13.04 -2.88 19.60
N VAL A 200 13.84 -3.50 20.45
CA VAL A 200 15.11 -2.91 20.83
C VAL A 200 16.16 -4.01 20.80
N THR A 201 17.36 -3.67 20.36
CA THR A 201 18.45 -4.62 20.33
C THR A 201 19.38 -4.29 21.49
N VAL A 202 19.65 -5.30 22.33
CA VAL A 202 20.38 -5.08 23.58
C VAL A 202 21.55 -6.05 23.66
N PRO A 203 22.56 -5.72 24.45
CA PRO A 203 23.64 -6.68 24.67
C PRO A 203 23.11 -7.96 25.29
N SER A 204 23.48 -9.09 24.69
CA SER A 204 23.04 -10.38 25.22
C SER A 204 23.55 -10.58 26.64
N SER A 205 24.70 -10.00 26.97
CA SER A 205 25.27 -10.15 28.30
C SER A 205 24.45 -9.45 29.38
N SER A 206 23.57 -8.52 28.99
CA SER A 206 22.73 -7.78 29.92
C SER A 206 21.42 -8.48 30.25
N LEU A 207 21.05 -9.53 29.52
CA LEU A 207 19.76 -10.16 29.75
C LEU A 207 19.75 -10.81 31.14
N GLY A 208 18.64 -10.70 31.84
CA GLY A 208 18.60 -11.29 33.16
C GLY A 208 19.37 -10.55 34.23
N THR A 209 19.95 -9.38 33.91
CA THR A 209 20.47 -8.48 34.94
C THR A 209 19.87 -7.09 34.74
N GLN A 210 19.61 -6.75 33.48
CA GLN A 210 18.95 -5.50 33.14
C GLN A 210 17.48 -5.79 32.86
N THR A 211 16.60 -4.98 33.42
CA THR A 211 15.19 -5.11 33.13
C THR A 211 14.81 -4.23 31.94
N TYR A 212 13.99 -4.78 31.06
CA TYR A 212 13.51 -4.07 29.87
C TYR A 212 12.00 -3.99 29.95
N ILE A 213 11.48 -2.77 30.00
CA ILE A 213 10.06 -2.54 30.11
C ILE A 213 9.65 -1.66 28.95
N CYS A 214 8.65 -2.09 28.19
CA CYS A 214 8.07 -1.19 27.22
C CYS A 214 6.86 -0.45 27.81
N ASN A 215 6.79 0.83 27.51
CA ASN A 215 5.77 1.72 28.03
C ASN A 215 4.89 2.12 26.87
N VAL A 216 3.60 1.85 26.99
CA VAL A 216 2.65 2.01 25.91
C VAL A 216 1.60 3.02 26.33
N ASN A 217 1.42 4.07 25.52
CA ASN A 217 0.48 5.15 25.85
C ASN A 217 -0.49 5.30 24.68
N HIS A 218 -1.77 5.14 24.96
CA HIS A 218 -2.81 5.32 23.95
C HIS A 218 -3.72 6.42 24.47
N LYS A 219 -3.55 7.63 23.96
CA LYS A 219 -4.23 8.76 24.58
C LYS A 219 -5.75 8.72 24.41
N PRO A 220 -6.28 8.37 23.24
CA PRO A 220 -7.74 8.35 23.07
C PRO A 220 -8.49 7.46 24.06
N SER A 221 -7.85 6.41 24.60
CA SER A 221 -8.47 5.53 25.58
C SER A 221 -7.92 5.75 26.99
N ASN A 222 -7.08 6.77 27.19
CA ASN A 222 -6.46 7.05 28.49
C ASN A 222 -5.75 5.80 29.04
N THR A 223 -5.17 5.00 28.15
CA THR A 223 -4.44 3.78 28.50
C THR A 223 -2.96 4.10 28.64
N LYS A 224 -2.37 3.74 29.77
CA LYS A 224 -0.91 3.80 29.94
C LYS A 224 -0.52 2.48 30.59
N VAL A 225 0.09 1.57 29.81
CA VAL A 225 0.41 0.23 30.30
C VAL A 225 1.89 -0.04 30.09
N ASP A 226 2.51 -0.68 31.06
CA ASP A 226 3.90 -1.11 30.99
C ASP A 226 3.95 -2.62 30.83
N LYS A 227 4.94 -3.10 30.10
CA LYS A 227 5.10 -4.54 30.07
C LYS A 227 6.55 -4.97 30.10
N ARG A 228 6.87 -5.84 31.06
CA ARG A 228 8.22 -6.35 31.21
CA ARG A 228 8.22 -6.36 31.22
C ARG A 228 8.45 -7.45 30.18
N VAL A 229 9.62 -7.41 29.57
CA VAL A 229 9.93 -8.34 28.50
C VAL A 229 11.13 -9.13 28.99
N GLU A 230 10.88 -10.38 29.32
CA GLU A 230 11.85 -11.23 29.97
C GLU A 230 12.32 -12.31 29.01
N PRO A 231 13.54 -12.83 29.19
CA PRO A 231 14.00 -13.94 28.36
C PRO A 231 13.15 -15.18 28.57
N LYS A 232 13.09 -16.00 27.53
CA LYS A 232 12.38 -17.27 27.59
C LYS A 232 13.05 -18.23 28.57
N TYR B 2 -2.64 -9.47 -10.26
CA TYR B 2 -2.93 -8.43 -11.24
C TYR B 2 -2.99 -9.02 -12.65
N GLU B 3 -3.75 -8.36 -13.54
CA GLU B 3 -3.73 -8.65 -14.96
C GLU B 3 -2.48 -8.08 -15.66
N LEU B 4 -1.88 -7.06 -15.07
CA LEU B 4 -0.61 -6.49 -15.52
C LEU B 4 0.36 -6.58 -14.37
N THR B 5 1.53 -7.14 -14.61
CA THR B 5 2.50 -7.41 -13.55
C THR B 5 3.71 -6.51 -13.71
N GLN B 6 4.09 -5.83 -12.62
CA GLN B 6 5.29 -5.00 -12.52
C GLN B 6 6.08 -5.41 -11.30
N GLU B 7 7.39 -5.19 -11.34
CA GLU B 7 8.18 -5.50 -10.16
C GLU B 7 7.93 -4.46 -9.07
N THR B 8 8.12 -4.87 -7.81
CA THR B 8 7.73 -3.99 -6.72
C THR B 8 8.60 -2.76 -6.65
N GLY B 9 9.87 -2.89 -6.96
CA GLY B 9 10.78 -1.78 -6.81
C GLY B 9 11.98 -1.92 -7.71
N VAL B 10 12.52 -0.78 -8.12
CA VAL B 10 13.76 -0.74 -8.88
C VAL B 10 14.53 0.49 -8.43
N SER B 11 15.84 0.45 -8.55
CA SER B 11 16.63 1.64 -8.26
C SER B 11 17.57 1.95 -9.42
N VAL B 12 18.09 3.17 -9.35
CA VAL B 12 18.91 3.75 -10.42
C VAL B 12 19.79 4.82 -9.79
N ALA B 13 21.03 4.91 -10.27
CA ALA B 13 21.90 5.99 -9.85
C ALA B 13 21.56 7.26 -10.62
N LEU B 14 21.83 8.41 -9.99
CA LEU B 14 21.63 9.69 -10.66
C LEU B 14 22.26 9.69 -12.02
N GLY B 15 21.48 10.13 -13.02
CA GLY B 15 21.95 10.31 -14.37
C GLY B 15 21.93 9.06 -15.22
N ARG B 16 21.69 7.89 -14.64
CA ARG B 16 21.66 6.68 -15.41
C ARG B 16 20.25 6.43 -15.96
N THR B 17 20.16 5.40 -16.77
CA THR B 17 18.95 5.02 -17.46
C THR B 17 18.35 3.83 -16.74
N VAL B 18 17.04 3.86 -16.59
CA VAL B 18 16.32 2.74 -15.99
C VAL B 18 15.03 2.52 -16.76
N THR B 19 14.64 1.23 -16.85
CA THR B 19 13.42 0.81 -17.55
C THR B 19 12.53 0.05 -16.57
N ILE B 20 11.26 0.44 -16.51
CA ILE B 20 10.23 -0.20 -15.71
C ILE B 20 9.29 -0.90 -16.69
N THR B 21 9.03 -2.19 -16.45
CA THR B 21 8.29 -3.00 -17.40
C THR B 21 7.03 -3.57 -16.78
N CYS B 22 5.97 -3.55 -17.56
CA CYS B 22 4.71 -4.21 -17.24
C CYS B 22 4.54 -5.36 -18.21
N ARG B 23 4.06 -6.48 -17.71
CA ARG B 23 3.82 -7.66 -18.55
C ARG B 23 2.40 -8.17 -18.37
N GLY B 24 1.81 -8.62 -19.48
CA GLY B 24 0.50 -9.23 -19.46
C GLY B 24 0.06 -9.67 -20.85
N ASP B 25 -0.73 -10.74 -20.94
CA ASP B 25 -1.12 -11.24 -22.25
C ASP B 25 -1.81 -10.15 -23.06
N SER B 26 -2.61 -9.32 -22.41
CA SER B 26 -3.35 -8.30 -23.13
C SER B 26 -2.45 -7.24 -23.76
N LEU B 27 -1.21 -7.07 -23.28
CA LEU B 27 -0.31 -6.11 -23.91
C LEU B 27 0.20 -6.60 -25.26
N ARG B 28 -0.03 -7.87 -25.60
CA ARG B 28 0.24 -8.31 -26.95
CA ARG B 28 0.24 -8.31 -26.95
C ARG B 28 -0.69 -7.65 -27.96
N SER B 29 -1.84 -7.15 -27.49
CA SER B 29 -2.87 -6.60 -28.37
C SER B 29 -3.18 -5.14 -28.12
N HIS B 30 -2.73 -4.58 -26.98
CA HIS B 30 -3.09 -3.24 -26.53
C HIS B 30 -1.85 -2.45 -26.14
N TYR B 31 -1.94 -1.15 -26.30
CA TYR B 31 -0.95 -0.22 -25.78
C TYR B 31 -1.29 0.17 -24.36
N ALA B 32 -0.28 0.71 -23.68
CA ALA B 32 -0.43 1.06 -22.28
C ALA B 32 -0.23 2.56 -22.07
N SER B 33 -0.77 3.03 -20.96
CA SER B 33 -0.45 4.36 -20.46
C SER B 33 0.31 4.24 -19.15
N TRP B 34 1.05 5.29 -18.85
CA TRP B 34 1.96 5.30 -17.72
C TRP B 34 1.71 6.49 -16.82
N TYR B 35 1.73 6.24 -15.52
CA TYR B 35 1.50 7.26 -14.49
C TYR B 35 2.61 7.30 -13.45
N GLN B 36 2.91 8.49 -12.99
CA GLN B 36 3.76 8.74 -11.85
C GLN B 36 2.93 9.17 -10.65
N LYS B 37 3.21 8.60 -9.49
CA LYS B 37 2.59 9.07 -8.26
C LYS B 37 3.63 9.22 -7.16
N LYS B 38 3.83 10.44 -6.76
CA LYS B 38 4.66 10.69 -5.60
C LYS B 38 3.85 10.60 -4.32
N PRO B 39 4.50 10.36 -3.17
CA PRO B 39 3.76 10.25 -1.91
C PRO B 39 2.86 11.44 -1.66
N GLY B 40 1.59 11.18 -1.41
CA GLY B 40 0.65 12.23 -1.08
C GLY B 40 0.30 13.16 -2.20
N GLN B 41 0.70 12.89 -3.43
CA GLN B 41 0.43 13.77 -4.56
C GLN B 41 -0.54 13.12 -5.55
N ALA B 42 -1.21 13.95 -6.32
CA ALA B 42 -2.03 13.44 -7.41
C ALA B 42 -1.17 12.72 -8.44
N PRO B 43 -1.63 11.58 -8.97
CA PRO B 43 -0.92 10.96 -10.09
C PRO B 43 -0.84 11.89 -11.29
N ILE B 44 0.24 11.73 -12.06
CA ILE B 44 0.38 12.43 -13.34
C ILE B 44 0.50 11.43 -14.47
N LEU B 45 -0.18 11.75 -15.58
CA LEU B 45 -0.02 11.00 -16.83
C LEU B 45 1.32 11.33 -17.47
N LEU B 46 2.18 10.31 -17.66
CA LEU B 46 3.49 10.55 -18.27
C LEU B 46 3.56 10.30 -19.74
N PHE B 47 2.85 9.27 -20.21
CA PHE B 47 3.07 8.79 -21.57
C PHE B 47 1.93 7.87 -21.89
N TYR B 48 1.55 7.84 -23.15
CA TYR B 48 0.62 6.79 -23.55
C TYR B 48 0.88 6.41 -25.00
N GLY B 49 0.47 5.20 -25.34
CA GLY B 49 0.72 4.72 -26.67
C GLY B 49 2.21 4.67 -27.02
N LYS B 50 2.50 4.87 -28.30
CA LYS B 50 3.85 4.75 -28.81
C LYS B 50 4.66 6.02 -28.67
N ASN B 51 4.03 7.20 -28.80
CA ASN B 51 4.80 8.43 -28.87
C ASN B 51 4.06 9.64 -28.31
N ASN B 52 3.12 9.44 -27.37
CA ASN B 52 2.39 10.56 -26.79
C ASN B 52 2.94 10.89 -25.40
N ARG B 53 3.59 12.05 -25.30
CA ARG B 53 4.05 12.60 -24.03
C ARG B 53 3.30 13.91 -23.78
N PRO B 54 2.49 14.01 -22.74
CA PRO B 54 1.76 15.26 -22.47
C PRO B 54 2.70 16.42 -22.27
N SER B 55 2.23 17.60 -22.70
CA SER B 55 2.97 18.83 -22.45
C SER B 55 3.32 18.93 -20.97
N GLY B 56 4.57 19.30 -20.68
CA GLY B 56 5.01 19.47 -19.31
C GLY B 56 5.69 18.26 -18.71
N VAL B 57 5.53 17.09 -19.31
CA VAL B 57 6.24 15.91 -18.84
C VAL B 57 7.68 15.97 -19.35
N PRO B 58 8.68 15.72 -18.52
CA PRO B 58 10.07 15.84 -19.00
C PRO B 58 10.42 14.87 -20.13
N ASP B 59 11.32 15.34 -20.99
CA ASP B 59 11.70 14.58 -22.19
C ASP B 59 12.32 13.21 -21.84
N ARG B 60 12.92 13.06 -20.66
CA ARG B 60 13.59 11.83 -20.30
C ARG B 60 12.64 10.66 -20.12
N PHE B 61 11.33 10.90 -20.03
CA PHE B 61 10.36 9.82 -19.90
C PHE B 61 9.90 9.38 -21.27
N SER B 62 10.03 8.09 -21.56
CA SER B 62 9.58 7.56 -22.84
C SER B 62 8.98 6.17 -22.68
N GLY B 63 7.96 5.87 -23.48
CA GLY B 63 7.27 4.58 -23.40
C GLY B 63 7.52 3.75 -24.64
N SER B 64 7.51 2.42 -24.49
CA SER B 64 7.73 1.52 -25.61
C SER B 64 6.99 0.22 -25.36
N ALA B 65 6.91 -0.61 -26.40
CA ALA B 65 6.15 -1.84 -26.32
C ALA B 65 6.74 -2.89 -27.25
N SER B 66 6.74 -4.15 -26.79
CA SER B 66 7.16 -5.29 -27.58
C SER B 66 6.55 -6.54 -26.98
N GLY B 67 6.00 -7.40 -27.83
CA GLY B 67 5.50 -8.67 -27.34
C GLY B 67 4.48 -8.46 -26.23
N ASN B 68 4.62 -9.19 -25.11
CA ASN B 68 3.71 -9.03 -24.00
C ASN B 68 4.18 -7.98 -22.99
N ARG B 69 5.09 -7.07 -23.36
CA ARG B 69 5.60 -6.11 -22.40
C ARG B 69 5.38 -4.67 -22.88
N ALA B 70 5.11 -3.79 -21.92
CA ALA B 70 5.15 -2.35 -22.09
C ALA B 70 6.21 -1.82 -21.14
N SER B 71 6.97 -0.80 -21.58
CA SER B 71 8.07 -0.30 -20.77
C SER B 71 8.05 1.22 -20.70
N LEU B 72 8.46 1.72 -19.56
CA LEU B 72 8.72 3.12 -19.34
C LEU B 72 10.20 3.27 -19.07
N THR B 73 10.89 4.06 -19.88
CA THR B 73 12.32 4.26 -19.75
C THR B 73 12.58 5.69 -19.31
N ILE B 74 13.36 5.85 -18.28
CA ILE B 74 13.82 7.13 -17.85
C ILE B 74 15.30 7.24 -18.21
N SER B 75 15.60 8.13 -19.13
CA SER B 75 16.93 8.33 -19.64
C SER B 75 17.59 9.52 -18.98
N GLY B 76 18.29 9.23 -17.90
CA GLY B 76 18.92 10.18 -17.03
C GLY B 76 18.08 10.52 -15.81
N ALA B 77 18.09 9.61 -14.87
CA ALA B 77 17.27 9.76 -13.68
C ALA B 77 17.69 10.96 -12.86
N GLN B 78 16.70 11.70 -12.37
CA GLN B 78 16.93 12.86 -11.52
C GLN B 78 16.28 12.56 -10.18
N ALA B 79 16.76 13.24 -9.14
CA ALA B 79 16.27 12.94 -7.80
C ALA B 79 14.74 13.10 -7.70
N GLU B 80 14.18 14.07 -8.41
CA GLU B 80 12.75 14.30 -8.33
C GLU B 80 11.94 13.17 -8.97
N ASP B 81 12.58 12.16 -9.57
CA ASP B 81 11.86 11.07 -10.20
C ASP B 81 11.52 9.96 -9.21
N ASP B 82 11.95 10.08 -7.96
CA ASP B 82 11.54 9.14 -6.92
C ASP B 82 10.03 9.16 -6.79
N ALA B 83 9.41 8.00 -7.05
CA ALA B 83 7.95 7.94 -7.16
C ALA B 83 7.52 6.49 -7.39
N GLU B 84 6.21 6.28 -7.31
CA GLU B 84 5.61 5.04 -7.77
C GLU B 84 5.17 5.21 -9.23
N TYR B 85 5.35 4.17 -10.03
CA TYR B 85 5.02 4.19 -11.47
C TYR B 85 4.08 3.05 -11.78
N TYR B 86 2.96 3.40 -12.43
CA TYR B 86 1.88 2.45 -12.73
C TYR B 86 1.65 2.39 -14.23
N CYS B 87 1.47 1.18 -14.75
CA CYS B 87 0.97 1.06 -16.12
C CYS B 87 -0.54 0.77 -16.10
N SER B 88 -1.19 1.06 -17.22
CA SER B 88 -2.62 0.83 -17.38
C SER B 88 -2.96 0.47 -18.81
N SER B 89 -3.92 -0.44 -18.99
CA SER B 89 -4.31 -0.83 -20.33
C SER B 89 -5.72 -1.39 -20.26
N ARG B 90 -6.29 -1.63 -21.42
CA ARG B 90 -7.64 -2.14 -21.51
C ARG B 90 -7.74 -3.53 -20.89
N ASP B 91 -8.87 -3.82 -20.24
CA ASP B 91 -9.08 -5.13 -19.65
C ASP B 91 -8.91 -6.21 -20.72
N LYS B 92 -8.28 -7.33 -20.31
CA LYS B 92 -8.05 -8.42 -21.25
C LYS B 92 -9.35 -8.94 -21.85
N SER B 93 -10.47 -8.83 -21.12
CA SER B 93 -11.76 -9.31 -21.62
C SER B 93 -12.29 -8.47 -22.76
N GLY B 94 -11.74 -7.29 -23.05
CA GLY B 94 -12.26 -6.47 -24.13
C GLY B 94 -13.32 -5.45 -23.65
N SER B 95 -13.78 -5.70 -22.43
CA SER B 95 -14.73 -4.87 -21.70
C SER B 95 -14.23 -3.43 -21.65
N ARG B 96 -15.06 -2.40 -21.52
CA ARG B 96 -14.86 -0.95 -21.62
C ARG B 96 -14.36 -0.41 -20.28
N LEU B 97 -13.13 -0.97 -20.03
CA LEU B 97 -12.60 -0.86 -18.68
C LEU B 97 -11.08 -0.86 -18.76
N SER B 98 -10.45 -0.07 -17.91
CA SER B 98 -9.00 -0.03 -17.78
C SER B 98 -8.56 -0.74 -16.51
N VAL B 99 -7.43 -1.44 -16.59
CA VAL B 99 -6.83 -2.10 -15.46
C VAL B 99 -5.45 -1.48 -15.25
N PHE B 100 -4.95 -1.64 -14.02
CA PHE B 100 -3.67 -1.07 -13.61
C PHE B 100 -2.73 -2.16 -13.13
N GLY B 101 -1.43 -2.00 -13.42
CA GLY B 101 -0.45 -2.81 -12.73
C GLY B 101 -0.34 -2.44 -11.27
N GLY B 102 0.42 -3.23 -10.53
CA GLY B 102 0.49 -3.05 -9.10
C GLY B 102 1.42 -1.94 -8.63
N GLY B 103 2.17 -1.34 -9.55
CA GLY B 103 3.07 -0.25 -9.25
C GLY B 103 4.50 -0.68 -8.97
N THR B 104 5.46 0.13 -9.43
CA THR B 104 6.89 -0.06 -9.20
C THR B 104 7.40 1.18 -8.48
N LYS B 105 8.05 0.97 -7.33
CA LYS B 105 8.64 2.11 -6.62
C LYS B 105 10.03 2.31 -7.20
N LEU B 106 10.27 3.49 -7.77
CA LEU B 106 11.58 3.85 -8.28
C LEU B 106 12.31 4.63 -7.21
N THR B 107 13.49 4.16 -6.84
CA THR B 107 14.40 4.90 -5.97
C THR B 107 15.60 5.36 -6.77
N VAL B 108 15.80 6.68 -6.81
CA VAL B 108 17.02 7.28 -7.34
C VAL B 108 18.01 7.38 -6.17
N LEU B 109 19.09 6.60 -6.26
CA LEU B 109 19.94 6.32 -5.09
C LEU B 109 20.53 7.59 -4.52
N SER B 110 20.35 7.80 -3.21
CA SER B 110 20.91 8.98 -2.56
C SER B 110 21.64 8.61 -1.30
N GLN B 111 21.71 7.32 -1.00
CA GLN B 111 22.58 6.81 0.05
C GLN B 111 22.94 5.39 -0.32
N PRO B 112 23.87 4.78 0.40
CA PRO B 112 24.29 3.42 0.06
C PRO B 112 23.16 2.43 0.28
N LYS B 113 23.16 1.39 -0.53
CA LYS B 113 22.18 0.32 -0.33
C LYS B 113 22.43 -0.42 0.97
N ALA B 114 21.35 -0.86 1.59
CA ALA B 114 21.41 -1.57 2.85
C ALA B 114 20.36 -2.65 2.90
N ALA B 115 20.77 -3.90 3.28
CA ALA B 115 19.85 -5.01 3.30
C ALA B 115 18.93 -4.97 4.53
N PRO B 116 17.75 -5.51 4.39
CA PRO B 116 16.84 -5.60 5.54
C PRO B 116 17.39 -6.50 6.61
N SER B 117 17.28 -6.01 7.85
CA SER B 117 17.50 -6.81 9.05
C SER B 117 16.14 -7.37 9.45
N VAL B 118 16.02 -8.69 9.52
CA VAL B 118 14.74 -9.34 9.72
C VAL B 118 14.76 -10.09 11.04
N THR B 119 13.70 -9.91 11.85
CA THR B 119 13.54 -10.67 13.06
C THR B 119 12.11 -11.19 13.08
N LEU B 120 11.98 -12.50 13.24
CA LEU B 120 10.69 -13.17 13.28
C LEU B 120 10.45 -13.68 14.69
N PHE B 121 9.34 -13.20 15.31
CA PHE B 121 8.94 -13.66 16.62
C PHE B 121 7.77 -14.63 16.53
N PRO B 122 7.77 -15.70 17.30
CA PRO B 122 6.59 -16.55 17.40
C PRO B 122 5.55 -15.92 18.31
N PRO B 123 4.35 -16.49 18.37
CA PRO B 123 3.35 -16.04 19.34
C PRO B 123 3.88 -16.12 20.78
N SER B 124 3.56 -15.12 21.60
CA SER B 124 3.95 -15.17 23.00
C SER B 124 3.07 -16.16 23.79
N SER B 125 3.65 -16.72 24.85
CA SER B 125 2.85 -17.56 25.72
C SER B 125 1.63 -16.81 26.25
N GLU B 126 1.75 -15.51 26.49
CA GLU B 126 0.62 -14.74 26.99
C GLU B 126 -0.49 -14.64 25.95
N GLU B 127 -0.14 -14.42 24.68
CA GLU B 127 -1.15 -14.35 23.63
C GLU B 127 -1.83 -15.68 23.42
N LEU B 128 -1.05 -16.76 23.43
CA LEU B 128 -1.65 -18.09 23.29
C LEU B 128 -2.63 -18.37 24.42
N GLN B 129 -2.35 -17.90 25.63
CA GLN B 129 -3.26 -18.09 26.76
C GLN B 129 -4.56 -17.33 26.57
N ALA B 130 -4.55 -16.27 25.75
CA ALA B 130 -5.74 -15.55 25.35
C ALA B 130 -6.36 -16.15 24.09
N ASN B 131 -5.92 -17.35 23.71
CA ASN B 131 -6.49 -18.11 22.60
C ASN B 131 -6.34 -17.37 21.27
N LYS B 132 -5.21 -16.68 21.10
CA LYS B 132 -4.84 -16.07 19.83
C LYS B 132 -3.37 -16.38 19.57
N ALA B 133 -2.95 -16.16 18.33
CA ALA B 133 -1.58 -16.40 17.90
C ALA B 133 -1.22 -15.44 16.77
N THR B 134 -0.15 -14.66 16.94
CA THR B 134 0.34 -13.78 15.90
C THR B 134 1.83 -14.01 15.71
N LEU B 135 2.24 -14.30 14.49
CA LEU B 135 3.65 -14.24 14.15
C LEU B 135 4.00 -12.84 13.67
N VAL B 136 5.15 -12.34 14.10
CA VAL B 136 5.53 -10.93 13.92
C VAL B 136 6.87 -10.91 13.20
N CYS B 137 6.87 -10.42 11.97
CA CYS B 137 8.07 -10.29 11.14
C CYS B 137 8.46 -8.81 11.03
N LEU B 138 9.60 -8.45 11.63
CA LEU B 138 10.00 -7.05 11.74
C LEU B 138 11.18 -6.88 10.81
N ILE B 139 11.13 -5.82 10.01
CA ILE B 139 12.07 -5.62 8.90
C ILE B 139 12.61 -4.20 9.02
N SER B 140 13.93 -4.06 9.21
CA SER B 140 14.47 -2.75 9.52
C SER B 140 15.76 -2.45 8.75
N ASP B 141 16.04 -1.16 8.70
CA ASP B 141 17.35 -0.62 8.32
C ASP B 141 17.69 -0.90 6.85
N PHE B 142 16.69 -0.86 5.99
CA PHE B 142 16.94 -1.17 4.59
C PHE B 142 16.78 0.04 3.68
N TYR B 143 17.49 -0.04 2.57
CA TYR B 143 17.45 1.01 1.55
C TYR B 143 17.91 0.39 0.22
N PRO B 144 17.18 0.61 -0.91
CA PRO B 144 15.93 1.36 -1.06
C PRO B 144 14.76 0.83 -0.23
N GLY B 145 13.77 1.69 -0.03
CA GLY B 145 12.61 1.34 0.78
C GLY B 145 11.50 0.67 0.03
N ALA B 146 11.79 -0.50 -0.54
CA ALA B 146 10.81 -1.35 -1.18
C ALA B 146 11.16 -2.80 -0.88
N VAL B 147 10.20 -3.56 -0.34
CA VAL B 147 10.38 -4.99 -0.09
C VAL B 147 9.07 -5.68 -0.40
N THR B 148 9.17 -6.96 -0.71
CA THR B 148 8.02 -7.86 -0.76
C THR B 148 8.15 -8.86 0.38
N VAL B 149 7.03 -9.23 0.99
CA VAL B 149 7.00 -10.19 2.09
C VAL B 149 6.06 -11.32 1.74
N ALA B 150 6.52 -12.54 1.94
CA ALA B 150 5.75 -13.75 1.73
C ALA B 150 5.91 -14.66 2.93
N TRP B 151 4.83 -15.35 3.27
CA TRP B 151 4.82 -16.28 4.37
C TRP B 151 4.69 -17.70 3.87
N LYS B 152 5.33 -18.63 4.58
CA LYS B 152 5.18 -20.04 4.27
C LYS B 152 5.07 -20.87 5.53
N ALA B 153 4.42 -22.02 5.39
CA ALA B 153 4.37 -23.04 6.44
C ALA B 153 4.52 -24.38 5.77
N ASP B 154 5.47 -25.19 6.24
CA ASP B 154 5.66 -26.55 5.71
C ASP B 154 5.75 -26.53 4.19
N SER B 155 6.43 -25.49 3.68
CA SER B 155 6.75 -25.29 2.27
C SER B 155 5.56 -24.78 1.45
N SER B 156 4.44 -24.42 2.08
CA SER B 156 3.25 -23.98 1.37
C SER B 156 3.01 -22.49 1.60
N PRO B 157 2.77 -21.70 0.55
CA PRO B 157 2.48 -20.28 0.78
C PRO B 157 1.23 -20.09 1.62
N VAL B 158 1.32 -19.17 2.57
CA VAL B 158 0.22 -18.76 3.44
C VAL B 158 -0.21 -17.37 3.00
N LYS B 159 -1.48 -17.24 2.63
CA LYS B 159 -2.01 -15.99 2.14
C LYS B 159 -3.04 -15.38 3.07
N ALA B 160 -3.85 -16.22 3.71
CA ALA B 160 -4.88 -15.73 4.62
C ALA B 160 -4.25 -15.37 5.96
N GLY B 161 -4.76 -14.30 6.57
CA GLY B 161 -4.31 -13.90 7.87
C GLY B 161 -3.06 -13.04 7.86
N VAL B 162 -2.65 -12.54 6.68
CA VAL B 162 -1.42 -11.76 6.53
C VAL B 162 -1.79 -10.29 6.40
N GLU B 163 -1.09 -9.43 7.14
CA GLU B 163 -1.15 -7.99 6.98
C GLU B 163 0.27 -7.45 7.00
N THR B 164 0.60 -6.63 6.00
CA THR B 164 1.96 -6.12 5.78
C THR B 164 1.89 -4.61 5.57
N THR B 165 2.78 -3.89 6.25
CA THR B 165 2.81 -2.44 6.12
C THR B 165 3.61 -2.05 4.89
N THR B 166 3.28 -0.89 4.32
CA THR B 166 4.17 -0.30 3.33
C THR B 166 5.40 0.25 4.04
N PRO B 167 6.59 0.17 3.44
CA PRO B 167 7.78 0.68 4.14
C PRO B 167 7.68 2.16 4.45
N SER B 168 8.21 2.54 5.62
CA SER B 168 8.25 3.94 6.05
C SER B 168 9.65 4.31 6.53
N LYS B 169 10.04 5.57 6.30
CA LYS B 169 11.39 6.03 6.66
C LYS B 169 11.57 6.18 8.17
N GLN B 170 12.67 5.63 8.68
CA GLN B 170 13.06 5.72 10.08
C GLN B 170 13.73 7.06 10.35
N SER B 171 13.88 7.40 11.64
CA SER B 171 14.59 8.63 11.98
C SER B 171 16.04 8.60 11.52
N ASN B 172 16.62 7.44 11.26
CA ASN B 172 17.98 7.35 10.72
C ASN B 172 18.02 7.33 9.20
N ASN B 173 16.90 7.64 8.54
CA ASN B 173 16.77 7.73 7.09
C ASN B 173 16.84 6.39 6.36
N LYS B 174 16.81 5.27 7.06
CA LYS B 174 16.57 3.98 6.43
C LYS B 174 15.10 3.64 6.59
N TYR B 175 14.68 2.54 5.97
CA TYR B 175 13.27 2.19 6.00
C TYR B 175 12.99 1.00 6.91
N ALA B 176 11.74 0.92 7.35
CA ALA B 176 11.27 -0.19 8.17
C ALA B 176 9.88 -0.62 7.72
N ALA B 177 9.56 -1.89 8.00
CA ALA B 177 8.27 -2.45 7.64
C ALA B 177 8.01 -3.61 8.58
N SER B 178 6.77 -4.11 8.56
CA SER B 178 6.46 -5.26 9.37
C SER B 178 5.34 -6.03 8.71
N SER B 179 5.28 -7.33 9.00
CA SER B 179 4.24 -8.20 8.52
C SER B 179 3.78 -9.11 9.65
N TYR B 180 2.48 -9.35 9.68
CA TYR B 180 1.86 -10.13 10.73
C TYR B 180 1.08 -11.28 10.11
N LEU B 181 1.26 -12.45 10.67
CA LEU B 181 0.46 -13.62 10.30
C LEU B 181 -0.41 -14.00 11.48
N SER B 182 -1.73 -13.94 11.28
CA SER B 182 -2.69 -14.28 12.33
C SER B 182 -3.13 -15.73 12.15
N LEU B 183 -3.05 -16.48 13.24
CA LEU B 183 -3.37 -17.90 13.27
C LEU B 183 -4.16 -18.23 14.53
N THR B 184 -4.92 -19.38 14.48
CA THR B 184 -5.38 -19.90 15.74
C THR B 184 -4.23 -20.58 16.47
N PRO B 185 -4.31 -20.68 17.79
CA PRO B 185 -3.28 -21.47 18.48
C PRO B 185 -3.19 -22.90 17.95
N GLU B 186 -4.32 -23.50 17.55
CA GLU B 186 -4.25 -24.86 16.99
C GLU B 186 -3.49 -24.86 15.68
N GLN B 187 -3.70 -23.86 14.82
CA GLN B 187 -2.95 -23.79 13.57
C GLN B 187 -1.46 -23.64 13.85
N TRP B 188 -1.11 -22.77 14.80
CA TRP B 188 0.30 -22.55 15.09
C TRP B 188 0.97 -23.87 15.45
N LYS B 189 0.36 -24.64 16.35
CA LYS B 189 0.97 -25.87 16.84
C LYS B 189 0.94 -27.04 15.86
N SER B 190 0.17 -26.96 14.78
CA SER B 190 -0.02 -28.14 13.95
C SER B 190 0.93 -28.21 12.77
N HIS B 191 1.74 -27.19 12.54
CA HIS B 191 2.71 -27.18 11.46
C HIS B 191 4.12 -27.23 12.05
N ARG B 192 5.07 -27.77 11.28
CA ARG B 192 6.44 -27.94 11.77
C ARG B 192 7.19 -26.61 11.86
N SER B 193 7.06 -25.75 10.84
CA SER B 193 7.79 -24.49 10.81
C SER B 193 7.02 -23.50 9.96
N TYR B 194 7.25 -22.23 10.28
CA TYR B 194 6.71 -21.08 9.58
C TYR B 194 7.87 -20.17 9.19
N SER B 195 7.77 -19.56 8.02
CA SER B 195 8.81 -18.65 7.56
C SER B 195 8.23 -17.36 7.03
N CYS B 196 9.00 -16.30 7.23
CA CYS B 196 8.78 -15.01 6.62
C CYS B 196 9.93 -14.78 5.64
N GLN B 197 9.59 -14.56 4.37
CA GLN B 197 10.57 -14.29 3.31
C GLN B 197 10.46 -12.82 2.91
N VAL B 198 11.57 -12.10 3.00
CA VAL B 198 11.60 -10.66 2.69
C VAL B 198 12.51 -10.49 1.49
N THR B 199 11.97 -9.98 0.39
CA THR B 199 12.74 -9.84 -0.84
C THR B 199 13.02 -8.36 -1.08
N HIS B 200 14.29 -8.02 -1.27
CA HIS B 200 14.78 -6.66 -1.46
C HIS B 200 15.53 -6.63 -2.77
N GLU B 201 14.97 -5.96 -3.78
CA GLU B 201 15.58 -5.90 -5.13
C GLU B 201 15.96 -7.30 -5.62
N GLY B 202 15.02 -8.23 -5.44
CA GLY B 202 15.21 -9.56 -5.96
C GLY B 202 16.05 -10.50 -5.09
N SER B 203 16.49 -10.06 -3.92
CA SER B 203 17.36 -10.83 -3.05
C SER B 203 16.57 -11.15 -1.80
N THR B 204 16.42 -12.45 -1.47
CA THR B 204 15.53 -12.85 -0.39
C THR B 204 16.28 -13.17 0.91
N VAL B 205 15.78 -12.61 2.02
CA VAL B 205 16.19 -12.93 3.38
C VAL B 205 15.03 -13.68 4.00
N GLU B 206 15.29 -14.86 4.58
CA GLU B 206 14.24 -15.70 5.15
C GLU B 206 14.58 -16.02 6.59
N LYS B 207 13.59 -15.87 7.48
CA LYS B 207 13.69 -16.34 8.85
C LYS B 207 12.56 -17.33 9.15
N THR B 208 12.83 -18.26 10.09
CA THR B 208 11.96 -19.39 10.41
C THR B 208 11.75 -19.45 11.91
N VAL B 209 10.53 -19.85 12.30
CA VAL B 209 10.24 -20.21 13.68
C VAL B 209 9.46 -21.52 13.68
N ALA B 210 9.52 -22.21 14.82
CA ALA B 210 8.82 -23.48 14.95
C ALA B 210 8.16 -23.56 16.32
N PRO B 211 6.96 -24.11 16.41
CA PRO B 211 6.37 -24.32 17.73
C PRO B 211 7.27 -25.24 18.55
N THR B 212 7.57 -24.80 19.77
CA THR B 212 8.67 -25.39 20.57
C THR B 212 10.00 -25.27 19.80
#